data_3OPT
#
_entry.id   3OPT
#
_cell.length_a   109.415
_cell.length_b   109.415
_cell.length_c   145.958
_cell.angle_alpha   90.000
_cell.angle_beta   90.000
_cell.angle_gamma   120.000
#
_symmetry.space_group_name_H-M   'P 64'
#
loop_
_entity.id
_entity.type
_entity.pdbx_description
1 polymer 'DNA damage-responsive transcriptional repressor RPH1'
2 non-polymer '2-OXOGLUTARIC ACID'
3 non-polymer 'NICKEL (II) ION'
4 water water
#
_entity_poly.entity_id   1
_entity_poly.type   'polypeptide(L)'
_entity_poly.pdbx_seq_one_letter_code
;MTKLIAPSEIVGGVPVFKPTYEQFEDFYAYCKAINKYGMKSGVVKVIPPKEWKDKLDLPYSAETLQKIKIKSPIQQHISG
NKGLFMVQNVEKNKTYNIIQWKDLSKDYVPPEDPKARRNSRKGSVSKSTKLKLKNFESSFNIDDFEQFRTEYTIDLSDFQ
NTERLKFLEEYYWKTLNFTTPMYGADTPGSIFPEGLNVWNVAKLPNILDHMETKVPGVNDSYLYAGLWKASFSWHLEDQD
LYSINYIHFGAPKQWYSIPQEDRFKFYKFMQEQFPEEAKNCPEFLRHKMFLASPKLLQENGIRCNEIVHHEGEFMITYPY
GYHAGFNYGYNLAESVNFALEEWLPIGKKAGKCHCISDSVEIDVKKLAKSWRD
;
_entity_poly.pdbx_strand_id   A
#
# COMPACT_ATOMS: atom_id res chain seq x y z
N ALA A 6 -8.31 2.23 24.21
CA ALA A 6 -7.28 2.78 23.33
C ALA A 6 -7.84 3.88 22.44
N PRO A 7 -7.21 5.06 22.48
CA PRO A 7 -7.60 6.21 21.67
C PRO A 7 -6.60 6.43 20.53
N SER A 8 -6.95 7.31 19.60
CA SER A 8 -6.03 7.71 18.56
C SER A 8 -5.15 8.86 19.04
N GLU A 9 -3.91 8.91 18.55
CA GLU A 9 -2.95 9.93 18.97
C GLU A 9 -3.12 11.19 18.15
N ILE A 10 -3.42 11.03 16.86
CA ILE A 10 -3.63 12.15 15.97
C ILE A 10 -4.52 11.77 14.79
N VAL A 11 -4.71 12.71 13.87
CA VAL A 11 -5.45 12.44 12.64
C VAL A 11 -4.85 13.20 11.46
N GLY A 12 -4.73 12.53 10.33
CA GLY A 12 -4.43 13.18 9.06
C GLY A 12 -5.69 13.15 8.21
N GLY A 13 -6.83 13.13 8.90
CA GLY A 13 -8.10 12.77 8.31
C GLY A 13 -8.30 11.30 8.65
N VAL A 14 -7.17 10.64 8.95
CA VAL A 14 -7.13 9.24 9.31
C VAL A 14 -6.53 9.10 10.71
N PRO A 15 -7.15 8.25 11.55
CA PRO A 15 -6.67 8.03 12.91
C PRO A 15 -5.28 7.43 12.93
N VAL A 16 -4.42 7.91 13.83
CA VAL A 16 -3.09 7.36 14.00
C VAL A 16 -2.90 6.83 15.42
N PHE A 17 -2.65 5.53 15.54
CA PHE A 17 -2.51 4.91 16.85
C PHE A 17 -1.06 4.50 17.11
N LYS A 18 -0.55 4.92 18.27
CA LYS A 18 0.83 4.64 18.65
C LYS A 18 0.86 4.05 20.07
N PRO A 19 0.45 2.79 20.19
CA PRO A 19 0.29 2.09 21.47
C PRO A 19 1.60 1.59 22.05
N THR A 20 1.60 1.34 23.35
CA THR A 20 2.72 0.69 24.01
C THR A 20 2.68 -0.80 23.70
N TYR A 21 3.81 -1.48 23.89
CA TYR A 21 3.90 -2.90 23.59
C TYR A 21 2.88 -3.71 24.40
N GLU A 22 2.44 -3.13 25.51
CA GLU A 22 1.50 -3.82 26.40
C GLU A 22 0.15 -4.01 25.75
N GLN A 23 -0.35 -2.95 25.12
CA GLN A 23 -1.63 -3.01 24.41
C GLN A 23 -1.46 -3.58 23.01
N PHE A 24 -0.44 -3.11 22.30
CA PHE A 24 -0.11 -3.63 20.97
C PHE A 24 0.11 -5.14 21.02
N GLU A 25 0.54 -5.61 22.18
CA GLU A 25 0.84 -7.03 22.41
C GLU A 25 -0.14 -7.98 21.72
N ASP A 26 -1.42 -7.82 22.00
CA ASP A 26 -2.44 -8.71 21.45
C ASP A 26 -3.10 -8.11 20.22
N PHE A 27 -2.96 -8.79 19.08
CA PHE A 27 -3.45 -8.29 17.80
C PHE A 27 -4.97 -8.29 17.67
N TYR A 28 -5.61 -9.33 18.19
CA TYR A 28 -7.07 -9.45 18.09
C TYR A 28 -7.80 -8.62 19.15
N ALA A 29 -7.17 -8.45 20.31
CA ALA A 29 -7.73 -7.61 21.36
C ALA A 29 -7.60 -6.14 20.98
N TYR A 30 -6.43 -5.77 20.46
CA TYR A 30 -6.16 -4.39 20.09
C TYR A 30 -6.99 -3.96 18.87
N CYS A 31 -7.28 -4.91 17.99
CA CYS A 31 -8.08 -4.63 16.80
C CYS A 31 -9.56 -4.62 17.14
N LYS A 32 -9.92 -5.33 18.21
CA LYS A 32 -11.31 -5.39 18.65
C LYS A 32 -11.69 -4.08 19.33
N ALA A 33 -10.73 -3.51 20.05
CA ALA A 33 -10.96 -2.29 20.83
C ALA A 33 -10.89 -1.03 19.98
N ILE A 34 -10.42 -1.18 18.75
CA ILE A 34 -10.11 -0.03 17.91
C ILE A 34 -11.03 0.03 16.70
N ASN A 35 -11.83 -1.01 16.51
CA ASN A 35 -12.66 -1.16 15.33
C ASN A 35 -13.61 0.00 15.05
N LYS A 36 -14.04 0.70 16.11
CA LYS A 36 -15.01 1.77 15.95
C LYS A 36 -14.48 2.93 15.12
N TYR A 37 -13.18 3.23 15.26
CA TYR A 37 -12.55 4.31 14.52
C TYR A 37 -12.38 3.93 13.05
N GLY A 38 -11.90 2.72 12.80
CA GLY A 38 -11.66 2.24 11.45
C GLY A 38 -12.93 1.98 10.68
N MET A 39 -14.05 1.86 11.39
CA MET A 39 -15.34 1.66 10.75
C MET A 39 -15.99 2.99 10.39
N LYS A 40 -15.33 4.10 10.73
CA LYS A 40 -15.80 5.43 10.38
C LYS A 40 -14.97 6.01 9.24
N SER A 41 -13.66 6.11 9.45
CA SER A 41 -12.75 6.44 8.37
C SER A 41 -12.45 5.15 7.59
N GLY A 42 -11.89 5.29 6.40
CA GLY A 42 -11.64 4.11 5.58
C GLY A 42 -10.56 3.22 6.17
N VAL A 43 -9.46 3.84 6.57
CA VAL A 43 -8.31 3.11 7.07
C VAL A 43 -7.84 3.64 8.42
N VAL A 44 -6.74 3.10 8.90
CA VAL A 44 -6.20 3.48 10.19
C VAL A 44 -4.72 3.11 10.24
N LYS A 45 -3.88 4.06 10.66
CA LYS A 45 -2.45 3.78 10.78
C LYS A 45 -2.11 3.34 12.19
N VAL A 46 -1.16 2.42 12.31
CA VAL A 46 -0.73 1.92 13.60
C VAL A 46 0.79 1.85 13.66
N ILE A 47 1.40 2.83 14.32
CA ILE A 47 2.84 2.86 14.50
C ILE A 47 3.25 2.00 15.70
N PRO A 48 4.07 0.97 15.46
CA PRO A 48 4.42 -0.03 16.47
C PRO A 48 5.47 0.48 17.44
N PRO A 49 5.45 -0.04 18.69
CA PRO A 49 6.43 0.34 19.72
C PRO A 49 7.83 -0.16 19.36
N LYS A 50 8.85 0.36 20.02
CA LYS A 50 10.22 -0.03 19.72
C LYS A 50 10.48 -1.49 20.11
N GLU A 51 9.93 -1.90 21.24
CA GLU A 51 10.07 -3.28 21.70
C GLU A 51 9.63 -4.25 20.62
N TRP A 52 8.79 -3.78 19.71
CA TRP A 52 8.37 -4.55 18.55
C TRP A 52 9.47 -4.60 17.49
N LYS A 53 9.95 -3.42 17.11
CA LYS A 53 10.98 -3.30 16.08
C LYS A 53 12.20 -4.16 16.41
N ASP A 54 12.59 -4.15 17.68
CA ASP A 54 13.76 -4.90 18.11
C ASP A 54 13.62 -6.39 17.80
N LYS A 55 12.39 -6.86 17.73
CA LYS A 55 12.12 -8.27 17.46
C LYS A 55 12.45 -8.63 16.02
N LEU A 56 12.64 -7.61 15.19
CA LEU A 56 12.98 -7.81 13.79
C LEU A 56 14.47 -8.04 13.59
N ASP A 57 14.81 -8.78 12.54
CA ASP A 57 16.21 -9.09 12.25
C ASP A 57 16.68 -8.37 10.99
N LEU A 58 17.34 -7.22 11.17
CA LEU A 58 17.87 -6.46 10.05
C LEU A 58 19.37 -6.29 10.17
N PRO A 59 20.08 -6.33 9.03
CA PRO A 59 19.53 -6.59 7.69
C PRO A 59 19.08 -8.05 7.52
N TYR A 60 18.07 -8.27 6.70
CA TYR A 60 17.53 -9.61 6.48
C TYR A 60 18.64 -10.56 6.04
N SER A 61 18.62 -11.78 6.54
CA SER A 61 19.64 -12.76 6.18
C SER A 61 19.72 -12.95 4.67
N ALA A 62 20.88 -13.40 4.20
CA ALA A 62 21.09 -13.63 2.78
C ALA A 62 19.98 -14.49 2.18
N GLU A 63 19.62 -15.56 2.86
CA GLU A 63 18.59 -16.48 2.37
C GLU A 63 17.25 -15.77 2.25
N THR A 64 16.89 -15.01 3.29
CA THR A 64 15.64 -14.27 3.30
C THR A 64 15.55 -13.34 2.10
N LEU A 65 16.60 -12.54 1.89
CA LEU A 65 16.64 -11.61 0.77
C LEU A 65 16.58 -12.37 -0.57
N GLN A 66 16.90 -13.66 -0.52
CA GLN A 66 16.95 -14.49 -1.71
C GLN A 66 15.60 -15.11 -2.04
N LYS A 67 14.88 -15.52 -1.00
CA LYS A 67 13.59 -16.17 -1.17
C LYS A 67 12.58 -15.24 -1.84
N ILE A 68 12.92 -13.95 -1.90
CA ILE A 68 12.04 -12.95 -2.49
C ILE A 68 11.93 -13.10 -4.01
N LYS A 69 10.80 -13.64 -4.46
CA LYS A 69 10.56 -13.82 -5.88
C LYS A 69 9.39 -12.95 -6.34
N ILE A 70 9.65 -12.05 -7.29
CA ILE A 70 8.62 -11.16 -7.81
C ILE A 70 8.15 -11.65 -9.19
N LYS A 71 7.18 -12.55 -9.21
CA LYS A 71 6.70 -13.14 -10.45
C LYS A 71 5.64 -12.28 -11.12
N SER A 72 5.50 -12.46 -12.43
CA SER A 72 4.49 -11.75 -13.22
C SER A 72 4.32 -10.29 -12.80
N PRO A 73 5.36 -9.47 -13.02
CA PRO A 73 5.25 -8.05 -12.73
C PRO A 73 4.12 -7.44 -13.54
N ILE A 74 3.62 -6.29 -13.11
CA ILE A 74 2.48 -5.65 -13.77
C ILE A 74 2.84 -4.25 -14.27
N GLN A 75 2.52 -3.99 -15.54
CA GLN A 75 2.68 -2.64 -16.09
C GLN A 75 1.31 -2.02 -16.32
N GLN A 76 1.16 -0.77 -15.87
CA GLN A 76 -0.14 -0.11 -15.89
C GLN A 76 -0.19 1.01 -16.91
N HIS A 77 -1.09 0.89 -17.88
CA HIS A 77 -1.36 1.99 -18.81
C HIS A 77 -2.59 2.75 -18.32
N ILE A 78 -2.36 3.94 -17.81
CA ILE A 78 -3.43 4.69 -17.15
C ILE A 78 -4.00 5.78 -18.05
N SER A 79 -5.28 5.65 -18.36
CA SER A 79 -5.95 6.55 -19.30
C SER A 79 -6.99 7.42 -18.59
N GLY A 80 -6.88 8.73 -18.76
CA GLY A 80 -7.83 9.65 -18.17
C GLY A 80 -7.43 11.09 -18.35
N ASN A 81 -8.32 12.01 -17.97
CA ASN A 81 -8.07 13.43 -18.15
C ASN A 81 -7.75 14.17 -16.84
N LYS A 82 -8.74 14.28 -15.97
CA LYS A 82 -8.58 15.04 -14.74
C LYS A 82 -9.22 14.32 -13.55
N GLY A 83 -8.41 13.68 -12.73
CA GLY A 83 -8.89 12.97 -11.56
C GLY A 83 -9.64 11.70 -11.90
N LEU A 84 -9.97 11.53 -13.17
CA LEU A 84 -10.65 10.33 -13.65
C LEU A 84 -9.78 9.53 -14.60
N PHE A 85 -9.31 8.39 -14.12
CA PHE A 85 -8.47 7.52 -14.94
C PHE A 85 -8.89 6.06 -14.73
N MET A 86 -8.55 5.21 -15.69
CA MET A 86 -8.75 3.78 -15.52
C MET A 86 -7.55 3.00 -16.05
N VAL A 87 -7.05 2.06 -15.24
CA VAL A 87 -5.84 1.32 -15.58
C VAL A 87 -6.13 -0.08 -16.12
N GLN A 88 -5.32 -0.51 -17.08
CA GLN A 88 -5.40 -1.88 -17.59
C GLN A 88 -4.08 -2.60 -17.29
N ASN A 89 -4.11 -3.54 -16.38
CA ASN A 89 -2.91 -4.30 -16.04
C ASN A 89 -2.54 -5.29 -17.14
N VAL A 90 -1.28 -5.23 -17.58
CA VAL A 90 -0.74 -6.21 -18.52
C VAL A 90 0.55 -6.80 -17.94
N GLU A 91 0.60 -8.12 -17.84
CA GLU A 91 1.70 -8.79 -17.15
C GLU A 91 2.95 -9.00 -17.98
N LYS A 92 4.09 -9.03 -17.29
CA LYS A 92 5.34 -9.48 -17.88
C LYS A 92 5.57 -10.92 -17.43
N ASN A 93 5.96 -11.78 -18.36
CA ASN A 93 6.18 -13.18 -18.05
C ASN A 93 7.47 -13.41 -17.25
N LYS A 94 8.28 -12.36 -17.13
CA LYS A 94 9.53 -12.44 -16.38
C LYS A 94 9.26 -12.51 -14.88
N THR A 95 10.28 -12.86 -14.11
CA THR A 95 10.20 -12.77 -12.66
C THR A 95 11.50 -12.17 -12.14
N TYR A 96 11.39 -11.29 -11.16
CA TYR A 96 12.55 -10.55 -10.66
C TYR A 96 12.93 -10.95 -9.24
N ASN A 97 14.21 -10.82 -8.92
CA ASN A 97 14.66 -10.89 -7.55
C ASN A 97 14.84 -9.47 -7.01
N ILE A 98 15.00 -9.34 -5.70
CA ILE A 98 15.09 -8.03 -5.08
C ILE A 98 16.20 -7.16 -5.68
N ILE A 99 17.31 -7.78 -6.05
CA ILE A 99 18.44 -7.04 -6.60
C ILE A 99 18.12 -6.48 -7.98
N GLN A 100 17.50 -7.31 -8.81
CA GLN A 100 17.08 -6.89 -10.15
C GLN A 100 16.01 -5.81 -10.05
N TRP A 101 15.15 -5.94 -9.05
CA TRP A 101 14.08 -4.98 -8.83
C TRP A 101 14.67 -3.63 -8.40
N LYS A 102 15.57 -3.66 -7.43
CA LYS A 102 16.25 -2.46 -6.96
C LYS A 102 16.92 -1.76 -8.13
N ASP A 103 17.47 -2.56 -9.05
CA ASP A 103 18.10 -2.05 -10.24
C ASP A 103 17.07 -1.49 -11.20
N LEU A 104 15.96 -2.20 -11.33
CA LEU A 104 14.88 -1.79 -12.22
C LEU A 104 14.34 -0.41 -11.84
N SER A 105 14.35 -0.12 -10.54
CA SER A 105 13.82 1.14 -10.04
C SER A 105 14.66 2.33 -10.50
N LYS A 106 15.81 2.05 -11.11
CA LYS A 106 16.67 3.10 -11.61
C LYS A 106 16.11 3.72 -12.88
N ASP A 107 15.10 3.09 -13.45
CA ASP A 107 14.42 3.60 -14.64
C ASP A 107 13.17 4.37 -14.25
N TYR A 108 12.72 4.14 -13.02
CA TYR A 108 11.54 4.79 -12.49
C TYR A 108 11.91 5.81 -11.43
N VAL A 109 12.51 6.91 -11.87
CA VAL A 109 13.03 7.93 -10.97
C VAL A 109 12.03 9.05 -10.73
N PRO A 110 11.87 9.44 -9.46
CA PRO A 110 11.01 10.56 -9.11
C PRO A 110 11.59 11.88 -9.60
N PRO A 111 10.79 12.71 -10.26
CA PRO A 111 11.21 14.02 -10.74
C PRO A 111 11.88 14.84 -9.66
N GLU A 112 12.84 15.67 -10.05
CA GLU A 112 13.57 16.53 -9.12
C GLU A 112 12.92 17.90 -9.02
N ASP A 113 13.55 18.80 -8.24
CA ASP A 113 13.13 20.19 -8.07
C ASP A 113 12.83 20.47 -6.60
N SER A 138 22.78 -12.06 -15.38
CA SER A 138 22.81 -13.46 -15.79
C SER A 138 22.23 -14.37 -14.71
N SER A 139 23.10 -15.05 -13.99
CA SER A 139 22.68 -15.90 -12.87
C SER A 139 23.17 -15.29 -11.56
N PHE A 140 22.47 -15.56 -10.48
CA PHE A 140 22.82 -14.99 -9.18
C PHE A 140 23.25 -16.05 -8.17
N ASN A 141 23.89 -15.60 -7.11
CA ASN A 141 24.51 -16.49 -6.14
C ASN A 141 24.23 -16.05 -4.70
N ILE A 142 24.26 -17.00 -3.77
CA ILE A 142 24.03 -16.70 -2.37
C ILE A 142 24.99 -15.63 -1.88
N ASP A 143 26.06 -15.42 -2.64
CA ASP A 143 27.05 -14.39 -2.30
C ASP A 143 26.51 -13.00 -2.63
N ASP A 144 25.75 -12.90 -3.72
CA ASP A 144 25.24 -11.62 -4.18
C ASP A 144 24.30 -10.98 -3.17
N PHE A 145 23.46 -11.80 -2.55
CA PHE A 145 22.50 -11.30 -1.57
C PHE A 145 23.18 -10.93 -0.26
N GLU A 146 24.23 -11.65 0.09
CA GLU A 146 25.02 -11.32 1.27
C GLU A 146 25.68 -9.95 1.09
N GLN A 147 26.10 -9.68 -0.14
CA GLN A 147 26.66 -8.39 -0.50
C GLN A 147 25.56 -7.33 -0.46
N PHE A 148 24.35 -7.76 -0.81
CA PHE A 148 23.22 -6.85 -0.97
C PHE A 148 22.62 -6.40 0.37
N ARG A 149 23.05 -7.02 1.47
CA ARG A 149 22.53 -6.66 2.79
C ARG A 149 22.83 -5.22 3.18
N THR A 150 23.75 -4.58 2.46
CA THR A 150 24.07 -3.17 2.70
C THR A 150 23.52 -2.28 1.59
N GLU A 151 22.90 -2.89 0.58
CA GLU A 151 22.48 -2.16 -0.60
C GLU A 151 20.98 -2.31 -0.88
N TYR A 152 20.25 -2.92 0.03
CA TYR A 152 18.85 -3.22 -0.21
C TYR A 152 17.92 -2.03 0.07
N THR A 153 18.37 -1.13 0.94
CA THR A 153 17.58 0.04 1.30
C THR A 153 17.76 1.19 0.32
N ILE A 154 16.94 2.22 0.47
CA ILE A 154 17.04 3.41 -0.35
C ILE A 154 17.10 4.62 0.57
N ASP A 155 17.73 5.69 0.10
CA ASP A 155 17.82 6.92 0.89
C ASP A 155 16.42 7.40 1.22
N LEU A 156 16.22 7.89 2.44
CA LEU A 156 14.88 8.32 2.87
C LEU A 156 14.84 9.74 3.42
N SER A 157 15.98 10.42 3.39
CA SER A 157 16.05 11.81 3.87
C SER A 157 15.36 12.75 2.88
N ASP A 158 14.72 12.17 1.87
CA ASP A 158 14.03 12.96 0.85
C ASP A 158 12.52 12.93 1.06
N PHE A 159 12.04 11.87 1.72
CA PHE A 159 10.61 11.71 1.96
C PHE A 159 10.17 12.28 3.29
N GLN A 160 11.10 12.94 3.98
CA GLN A 160 10.78 13.57 5.26
C GLN A 160 10.13 14.93 5.01
N ASN A 161 10.54 15.57 3.93
CA ASN A 161 9.99 16.86 3.54
C ASN A 161 8.53 16.76 3.10
N THR A 162 7.63 17.41 3.84
CA THR A 162 6.22 17.41 3.49
C THR A 162 5.98 18.06 2.14
N GLU A 163 6.67 19.18 1.89
CA GLU A 163 6.54 19.88 0.63
C GLU A 163 7.03 19.01 -0.54
N ARG A 164 7.99 18.14 -0.25
CA ARG A 164 8.51 17.22 -1.25
C ARG A 164 7.45 16.20 -1.63
N LEU A 165 6.83 15.58 -0.62
CA LEU A 165 5.74 14.62 -0.84
C LEU A 165 4.58 15.27 -1.58
N LYS A 166 4.17 16.44 -1.11
CA LYS A 166 3.11 17.20 -1.76
C LYS A 166 3.44 17.39 -3.24
N PHE A 167 4.64 17.87 -3.51
CA PHE A 167 5.10 18.10 -4.87
C PHE A 167 4.97 16.86 -5.75
N LEU A 168 5.48 15.74 -5.23
CA LEU A 168 5.39 14.45 -5.93
C LEU A 168 3.94 14.08 -6.23
N GLU A 169 3.09 14.15 -5.22
CA GLU A 169 1.68 13.80 -5.37
C GLU A 169 1.01 14.66 -6.46
N GLU A 170 1.39 15.93 -6.51
CA GLU A 170 0.87 16.85 -7.51
C GLU A 170 1.33 16.43 -8.91
N TYR A 171 2.62 16.12 -9.02
CA TYR A 171 3.18 15.65 -10.28
C TYR A 171 2.53 14.34 -10.70
N TYR A 172 2.31 13.46 -9.72
CA TYR A 172 1.69 12.16 -9.96
C TYR A 172 0.37 12.29 -10.70
N TRP A 173 -0.50 13.14 -10.20
CA TRP A 173 -1.83 13.29 -10.79
C TRP A 173 -1.80 14.01 -12.13
N LYS A 174 -0.88 14.94 -12.30
CA LYS A 174 -0.74 15.64 -13.57
C LYS A 174 -0.27 14.71 -14.68
N THR A 175 0.75 13.91 -14.38
CA THR A 175 1.41 13.09 -15.39
C THR A 175 1.00 11.62 -15.36
N LEU A 176 -0.20 11.36 -14.86
CA LEU A 176 -0.68 9.98 -14.70
C LEU A 176 -0.65 9.22 -16.03
N ASN A 177 -1.17 9.86 -17.07
CA ASN A 177 -1.35 9.20 -18.37
C ASN A 177 -0.18 9.36 -19.34
N PHE A 178 0.96 9.84 -18.84
CA PHE A 178 2.13 10.02 -19.68
C PHE A 178 3.06 8.81 -19.64
N THR A 179 3.20 8.21 -18.45
CA THR A 179 4.08 7.08 -18.28
C THR A 179 3.32 5.84 -17.81
N THR A 180 3.85 4.67 -18.14
CA THR A 180 3.26 3.41 -17.67
C THR A 180 4.10 2.86 -16.53
N PRO A 181 3.58 2.93 -15.30
CA PRO A 181 4.27 2.43 -14.11
C PRO A 181 4.29 0.91 -14.06
N MET A 182 5.16 0.36 -13.21
CA MET A 182 5.29 -1.08 -13.07
C MET A 182 5.21 -1.48 -11.61
N TYR A 183 4.41 -2.51 -11.32
CA TYR A 183 4.12 -2.91 -9.96
C TYR A 183 4.32 -4.42 -9.76
N GLY A 184 5.20 -4.78 -8.84
CA GLY A 184 5.40 -6.18 -8.49
C GLY A 184 4.44 -6.60 -7.39
N ALA A 185 3.15 -6.66 -7.72
CA ALA A 185 2.13 -6.91 -6.71
C ALA A 185 1.68 -8.37 -6.64
N ASP A 186 1.09 -8.72 -5.50
CA ASP A 186 0.54 -10.06 -5.28
C ASP A 186 1.57 -11.17 -5.51
N THR A 187 2.75 -11.00 -4.91
CA THR A 187 3.79 -12.02 -4.98
C THR A 187 3.90 -12.75 -3.64
N PRO A 188 3.45 -14.01 -3.59
CA PRO A 188 3.44 -14.81 -2.36
C PRO A 188 4.82 -14.79 -1.69
N GLY A 189 4.83 -14.71 -0.36
CA GLY A 189 6.07 -14.70 0.38
C GLY A 189 6.01 -13.80 1.60
N SER A 190 7.08 -13.83 2.39
CA SER A 190 7.17 -13.02 3.60
C SER A 190 8.62 -12.84 4.04
N ILE A 191 8.95 -11.65 4.51
CA ILE A 191 10.27 -11.41 5.06
C ILE A 191 10.19 -11.01 6.54
N PHE A 192 9.14 -11.46 7.20
CA PHE A 192 9.05 -11.37 8.65
C PHE A 192 9.84 -12.53 9.25
N PRO A 193 10.42 -12.33 10.45
CA PRO A 193 11.11 -13.42 11.14
C PRO A 193 10.18 -14.62 11.36
N GLU A 194 10.70 -15.81 11.10
CA GLU A 194 9.90 -17.03 11.22
C GLU A 194 9.34 -17.21 12.63
N GLY A 195 10.12 -16.78 13.63
CA GLY A 195 9.76 -16.96 15.02
C GLY A 195 9.03 -15.78 15.62
N LEU A 196 8.71 -14.79 14.79
CA LEU A 196 7.98 -13.61 15.27
C LEU A 196 6.50 -13.94 15.45
N ASN A 197 6.06 -13.98 16.70
CA ASN A 197 4.67 -14.33 17.02
C ASN A 197 3.80 -13.14 17.38
N VAL A 198 4.37 -11.95 17.32
CA VAL A 198 3.59 -10.72 17.52
C VAL A 198 3.33 -10.07 16.17
N TRP A 199 2.10 -9.59 15.97
CA TRP A 199 1.71 -8.92 14.74
C TRP A 199 2.49 -9.38 13.51
N ASN A 200 2.54 -10.69 13.29
CA ASN A 200 3.20 -11.24 12.12
C ASN A 200 2.18 -11.47 11.01
N VAL A 201 2.15 -10.56 10.04
CA VAL A 201 1.21 -10.65 8.92
C VAL A 201 1.15 -12.07 8.36
N ALA A 202 2.31 -12.63 8.04
CA ALA A 202 2.43 -13.96 7.48
C ALA A 202 1.65 -15.01 8.28
N LYS A 203 1.77 -14.93 9.60
CA LYS A 203 1.13 -15.90 10.48
C LYS A 203 0.23 -15.20 11.50
N LEU A 204 -1.06 -15.16 11.23
CA LEU A 204 -2.01 -14.60 12.17
C LEU A 204 -2.88 -15.69 12.78
N PRO A 205 -3.22 -15.55 14.08
CA PRO A 205 -4.01 -16.53 14.84
C PRO A 205 -5.15 -17.12 14.02
N ASP A 220 0.23 -17.38 3.85
CA ASP A 220 -0.97 -16.81 3.21
C ASP A 220 -0.85 -15.29 3.06
N SER A 221 0.37 -14.78 3.21
CA SER A 221 0.62 -13.36 3.03
C SER A 221 1.37 -13.08 1.73
N TYR A 222 1.27 -11.86 1.25
CA TYR A 222 1.84 -11.48 -0.04
C TYR A 222 2.71 -10.24 0.06
N LEU A 223 3.74 -10.18 -0.79
CA LEU A 223 4.62 -9.02 -0.82
C LEU A 223 4.29 -8.06 -1.96
N TYR A 224 4.62 -6.80 -1.77
CA TYR A 224 4.33 -5.75 -2.74
C TYR A 224 5.59 -4.98 -3.11
N ALA A 225 6.21 -5.35 -4.21
CA ALA A 225 7.41 -4.66 -4.68
C ALA A 225 7.03 -3.38 -5.40
N GLY A 226 7.20 -2.25 -4.72
CA GLY A 226 6.74 -0.97 -5.23
C GLY A 226 7.77 -0.22 -6.04
N LEU A 227 7.27 0.52 -7.03
CA LEU A 227 8.07 1.41 -7.85
C LEU A 227 7.37 2.76 -7.93
N TRP A 228 8.14 3.82 -8.17
CA TRP A 228 7.57 5.17 -8.20
C TRP A 228 6.44 5.30 -9.22
N LYS A 229 5.27 5.68 -8.72
CA LYS A 229 4.04 5.86 -9.51
C LYS A 229 3.18 4.60 -9.65
N ALA A 230 3.68 3.48 -9.13
CA ALA A 230 2.88 2.26 -9.09
C ALA A 230 1.64 2.49 -8.25
N SER A 231 0.47 2.23 -8.82
CA SER A 231 -0.79 2.62 -8.19
C SER A 231 -1.67 1.42 -7.83
N PHE A 232 -2.48 1.61 -6.78
CA PHE A 232 -3.57 0.68 -6.50
C PHE A 232 -4.90 1.42 -6.54
N SER A 233 -5.80 0.94 -7.39
CA SER A 233 -7.05 1.63 -7.67
C SER A 233 -8.07 1.53 -6.54
N TRP A 234 -9.22 2.17 -6.72
CA TRP A 234 -10.28 2.17 -5.72
C TRP A 234 -10.91 0.78 -5.59
N HIS A 235 -11.10 0.34 -4.36
CA HIS A 235 -11.62 -0.99 -4.12
C HIS A 235 -11.88 -1.28 -2.65
N LEU A 236 -12.76 -2.25 -2.40
CA LEU A 236 -12.91 -2.85 -1.09
C LEU A 236 -12.32 -4.26 -1.17
N GLU A 237 -12.00 -4.83 -0.02
CA GLU A 237 -11.41 -6.17 0.01
C GLU A 237 -12.40 -7.26 -0.39
N ASP A 238 -11.88 -8.39 -0.85
CA ASP A 238 -12.73 -9.53 -1.19
C ASP A 238 -13.50 -9.99 0.04
N GLN A 239 -14.77 -10.33 -0.16
CA GLN A 239 -15.63 -10.80 0.92
C GLN A 239 -15.68 -9.76 2.03
N ASP A 240 -15.34 -8.52 1.68
CA ASP A 240 -15.39 -7.41 2.62
C ASP A 240 -14.66 -7.72 3.92
N LEU A 241 -13.40 -8.10 3.79
CA LEU A 241 -12.57 -8.42 4.95
C LEU A 241 -11.70 -7.23 5.32
N TYR A 242 -10.94 -7.37 6.40
CA TYR A 242 -9.95 -6.38 6.77
C TYR A 242 -8.66 -6.66 5.99
N SER A 243 -7.62 -5.90 6.30
CA SER A 243 -6.30 -6.14 5.73
C SER A 243 -5.27 -5.26 6.40
N ILE A 244 -4.12 -5.86 6.72
CA ILE A 244 -2.99 -5.11 7.26
C ILE A 244 -2.00 -4.90 6.13
N ASN A 245 -1.32 -3.76 6.14
CA ASN A 245 -0.28 -3.51 5.16
C ASN A 245 0.93 -2.89 5.85
N TYR A 246 2.03 -3.64 5.90
CA TYR A 246 3.24 -3.17 6.55
C TYR A 246 4.38 -3.00 5.56
N ILE A 247 4.94 -1.79 5.51
CA ILE A 247 6.11 -1.56 4.68
C ILE A 247 7.37 -1.98 5.43
N HIS A 248 8.10 -2.94 4.87
CA HIS A 248 9.34 -3.41 5.47
C HIS A 248 10.46 -2.38 5.28
N PHE A 249 10.59 -1.89 4.04
CA PHE A 249 11.58 -0.88 3.73
C PHE A 249 11.24 -0.18 2.41
N GLY A 250 11.89 0.96 2.17
CA GLY A 250 11.70 1.68 0.93
C GLY A 250 10.87 2.94 1.09
N ALA A 251 10.47 3.51 -0.04
CA ALA A 251 9.68 4.73 -0.07
C ALA A 251 8.29 4.51 0.50
N PRO A 252 7.66 5.59 1.00
CA PRO A 252 6.32 5.51 1.58
C PRO A 252 5.24 5.34 0.50
N LYS A 253 4.00 5.14 0.95
CA LYS A 253 2.87 5.06 0.05
C LYS A 253 1.90 6.20 0.30
N GLN A 254 1.16 6.58 -0.74
CA GLN A 254 0.10 7.55 -0.58
C GLN A 254 -1.22 6.80 -0.48
N TRP A 255 -1.98 7.12 0.55
CA TRP A 255 -3.25 6.44 0.81
C TRP A 255 -4.44 7.37 0.72
N TYR A 256 -5.52 6.87 0.12
CA TYR A 256 -6.78 7.58 0.09
C TYR A 256 -7.87 6.61 0.52
N SER A 257 -8.81 7.10 1.31
CA SER A 257 -9.93 6.27 1.74
C SER A 257 -11.21 7.07 1.75
N ILE A 258 -12.34 6.36 1.68
CA ILE A 258 -13.64 6.98 1.74
C ILE A 258 -14.29 6.61 3.06
N PRO A 259 -14.64 7.62 3.88
CA PRO A 259 -15.36 7.33 5.12
C PRO A 259 -16.59 6.48 4.80
N GLN A 260 -16.81 5.40 5.54
CA GLN A 260 -17.93 4.51 5.27
C GLN A 260 -19.22 5.26 5.00
N GLU A 261 -19.42 6.36 5.72
CA GLU A 261 -20.64 7.17 5.59
C GLU A 261 -20.90 7.60 4.15
N ASP A 262 -19.82 7.90 3.42
CA ASP A 262 -19.92 8.47 2.09
C ASP A 262 -19.72 7.46 0.99
N ARG A 263 -19.71 6.17 1.33
CA ARG A 263 -19.45 5.14 0.33
C ARG A 263 -20.59 5.02 -0.67
N PHE A 264 -21.75 5.52 -0.27
CA PHE A 264 -22.91 5.53 -1.16
C PHE A 264 -22.85 6.70 -2.14
N LYS A 265 -22.44 7.86 -1.64
CA LYS A 265 -22.15 9.01 -2.50
C LYS A 265 -21.07 8.63 -3.50
N PHE A 266 -19.98 8.07 -2.98
CA PHE A 266 -18.85 7.66 -3.78
C PHE A 266 -19.28 6.70 -4.89
N TYR A 267 -19.91 5.60 -4.51
CA TYR A 267 -20.34 4.59 -5.48
C TYR A 267 -21.24 5.18 -6.55
N LYS A 268 -22.13 6.09 -6.16
CA LYS A 268 -23.06 6.69 -7.11
C LYS A 268 -22.33 7.62 -8.07
N PHE A 269 -21.44 8.45 -7.53
CA PHE A 269 -20.64 9.35 -8.37
C PHE A 269 -19.87 8.56 -9.42
N MET A 270 -19.25 7.46 -8.99
CA MET A 270 -18.48 6.62 -9.89
C MET A 270 -19.37 5.94 -10.92
N GLN A 271 -20.68 6.09 -10.75
CA GLN A 271 -21.64 5.60 -11.73
C GLN A 271 -21.94 6.68 -12.76
N GLU A 272 -22.09 7.92 -12.27
CA GLU A 272 -22.15 9.08 -13.16
C GLU A 272 -20.99 8.99 -14.14
N GLN A 273 -19.77 9.01 -13.60
CA GLN A 273 -18.59 8.71 -14.37
C GLN A 273 -18.64 7.23 -14.75
N PHE A 274 -17.97 6.86 -15.83
CA PHE A 274 -17.95 5.48 -16.30
C PHE A 274 -19.35 4.87 -16.34
N PRO A 275 -20.27 5.51 -17.06
CA PRO A 275 -21.66 5.00 -17.15
C PRO A 275 -21.71 3.62 -17.80
N GLU A 276 -20.88 3.41 -18.83
CA GLU A 276 -20.87 2.13 -19.55
C GLU A 276 -20.46 0.97 -18.64
N GLU A 277 -19.30 1.10 -18.02
CA GLU A 277 -18.78 0.06 -17.13
C GLU A 277 -19.77 -0.25 -16.01
N ALA A 278 -20.57 0.75 -15.65
CA ALA A 278 -21.53 0.62 -14.56
C ALA A 278 -22.77 -0.16 -14.99
N LYS A 279 -23.15 0.00 -16.26
CA LYS A 279 -24.37 -0.59 -16.80
C LYS A 279 -24.77 -1.92 -16.19
N ASN A 280 -24.35 -3.01 -16.82
CA ASN A 280 -24.75 -4.34 -16.39
C ASN A 280 -24.23 -4.70 -15.00
N CYS A 281 -22.97 -4.36 -14.73
CA CYS A 281 -22.29 -4.83 -13.54
C CYS A 281 -22.59 -3.98 -12.29
N PRO A 282 -23.12 -4.63 -11.25
CA PRO A 282 -23.36 -3.99 -9.94
C PRO A 282 -22.07 -3.86 -9.14
N GLU A 283 -21.20 -4.85 -9.27
CA GLU A 283 -19.92 -4.86 -8.57
C GLU A 283 -18.77 -4.59 -9.54
N PHE A 284 -18.85 -3.45 -10.24
CA PHE A 284 -17.86 -3.14 -11.26
C PHE A 284 -16.57 -2.55 -10.71
N LEU A 285 -16.66 -1.94 -9.53
CA LEU A 285 -15.47 -1.43 -8.86
C LEU A 285 -14.55 -2.58 -8.42
N ARG A 286 -15.11 -3.77 -8.33
CA ARG A 286 -14.35 -4.98 -8.01
C ARG A 286 -13.87 -5.63 -9.30
N HIS A 287 -14.39 -5.15 -10.42
CA HIS A 287 -14.05 -5.72 -11.72
C HIS A 287 -12.94 -4.93 -12.42
N LYS A 288 -13.17 -3.64 -12.64
CA LYS A 288 -12.21 -2.81 -13.34
C LYS A 288 -11.33 -2.00 -12.39
N MET A 289 -10.41 -1.24 -12.96
CA MET A 289 -9.45 -0.46 -12.20
C MET A 289 -9.64 1.03 -12.48
N PHE A 290 -10.23 1.75 -11.52
CA PHE A 290 -10.46 3.18 -11.69
C PHE A 290 -9.67 4.00 -10.68
N LEU A 291 -9.28 5.20 -11.10
CA LEU A 291 -8.53 6.11 -10.24
C LEU A 291 -9.22 7.45 -10.16
N ALA A 292 -9.54 7.88 -8.94
CA ALA A 292 -10.16 9.18 -8.72
C ALA A 292 -9.35 9.97 -7.69
N SER A 293 -9.02 11.21 -8.04
CA SER A 293 -8.25 12.06 -7.14
C SER A 293 -9.14 12.62 -6.04
N PRO A 294 -8.58 12.81 -4.84
CA PRO A 294 -9.33 13.40 -3.74
C PRO A 294 -9.90 14.74 -4.16
N LYS A 295 -9.03 15.68 -4.53
CA LYS A 295 -9.44 17.00 -4.99
C LYS A 295 -10.74 16.95 -5.78
N LEU A 296 -10.84 15.98 -6.68
CA LEU A 296 -12.05 15.78 -7.47
C LEU A 296 -13.21 15.33 -6.58
N LEU A 297 -13.05 14.19 -5.93
CA LEU A 297 -14.08 13.65 -5.05
C LEU A 297 -14.56 14.70 -4.03
N GLN A 298 -13.62 15.46 -3.47
CA GLN A 298 -13.94 16.48 -2.49
C GLN A 298 -14.94 17.47 -3.06
N GLU A 299 -14.66 17.95 -4.27
CA GLU A 299 -15.51 18.93 -4.93
C GLU A 299 -16.72 18.27 -5.55
N ASN A 300 -17.13 17.14 -4.99
CA ASN A 300 -18.34 16.46 -5.43
C ASN A 300 -19.15 15.93 -4.24
N GLY A 301 -18.88 16.47 -3.05
CA GLY A 301 -19.63 16.13 -1.86
C GLY A 301 -19.12 14.87 -1.18
N ILE A 302 -18.05 14.32 -1.71
CA ILE A 302 -17.48 13.07 -1.20
C ILE A 302 -16.21 13.33 -0.40
N ARG A 303 -16.28 13.09 0.91
CA ARG A 303 -15.11 13.23 1.77
C ARG A 303 -14.07 12.19 1.38
N CYS A 304 -12.81 12.59 1.38
CA CYS A 304 -11.73 11.69 0.99
C CYS A 304 -10.53 11.83 1.92
N ASN A 305 -10.29 10.81 2.74
CA ASN A 305 -9.16 10.82 3.65
C ASN A 305 -7.85 10.61 2.89
N GLU A 306 -6.75 11.07 3.49
CA GLU A 306 -5.44 10.92 2.86
C GLU A 306 -4.33 10.96 3.88
N ILE A 307 -3.42 10.00 3.78
CA ILE A 307 -2.30 9.90 4.70
C ILE A 307 -1.11 9.26 3.99
N VAL A 308 0.08 9.46 4.54
CA VAL A 308 1.29 8.87 3.99
C VAL A 308 1.76 7.71 4.84
N HIS A 309 2.07 6.59 4.19
CA HIS A 309 2.43 5.36 4.88
C HIS A 309 3.92 5.09 4.76
N HIS A 310 4.64 5.19 5.88
CA HIS A 310 6.09 5.02 5.89
C HIS A 310 6.52 3.62 6.31
N GLU A 311 7.78 3.28 6.05
CA GLU A 311 8.30 1.96 6.44
C GLU A 311 8.28 1.82 7.95
N GLY A 312 8.11 0.59 8.42
CA GLY A 312 7.98 0.34 9.85
C GLY A 312 6.64 0.80 10.38
N GLU A 313 5.64 0.85 9.50
CA GLU A 313 4.29 1.24 9.90
C GLU A 313 3.24 0.30 9.32
N PHE A 314 2.12 0.18 10.02
CA PHE A 314 1.01 -0.65 9.56
C PHE A 314 -0.16 0.22 9.11
N MET A 315 -0.80 -0.18 8.01
CA MET A 315 -2.08 0.39 7.65
C MET A 315 -3.11 -0.72 7.76
N ILE A 316 -4.26 -0.42 8.36
CA ILE A 316 -5.33 -1.39 8.49
C ILE A 316 -6.58 -0.86 7.80
N THR A 317 -7.08 -1.63 6.84
CA THR A 317 -8.30 -1.25 6.13
C THR A 317 -9.48 -2.02 6.69
N TYR A 318 -10.65 -1.41 6.66
CA TYR A 318 -11.84 -1.98 7.27
C TYR A 318 -12.95 -2.23 6.26
N PRO A 319 -13.84 -3.18 6.58
CA PRO A 319 -15.01 -3.50 5.76
C PRO A 319 -15.76 -2.24 5.32
N TYR A 320 -16.05 -2.15 4.03
CA TYR A 320 -16.81 -1.04 3.47
C TYR A 320 -16.02 0.26 3.48
N GLY A 321 -14.71 0.14 3.58
CA GLY A 321 -13.83 1.30 3.52
C GLY A 321 -13.03 1.30 2.23
N TYR A 322 -13.53 1.99 1.22
CA TYR A 322 -12.85 2.09 -0.07
C TYR A 322 -11.50 2.78 0.12
N HIS A 323 -10.48 2.27 -0.58
CA HIS A 323 -9.16 2.86 -0.51
C HIS A 323 -8.41 2.73 -1.83
N ALA A 324 -7.44 3.61 -2.04
CA ALA A 324 -6.61 3.61 -3.23
C ALA A 324 -5.35 4.43 -2.97
N GLY A 325 -4.47 4.49 -3.96
CA GLY A 325 -3.25 5.26 -3.82
C GLY A 325 -2.13 4.81 -4.74
N PHE A 326 -0.90 5.15 -4.36
CA PHE A 326 0.28 4.82 -5.16
C PHE A 326 1.51 4.76 -4.28
N ASN A 327 2.63 4.35 -4.86
CA ASN A 327 3.90 4.27 -4.14
C ASN A 327 4.83 5.42 -4.52
N TYR A 328 5.52 5.97 -3.54
CA TYR A 328 6.44 7.07 -3.78
C TYR A 328 7.80 6.58 -4.28
N GLY A 329 7.88 5.29 -4.59
CA GLY A 329 9.10 4.72 -5.14
C GLY A 329 9.37 3.29 -4.72
N TYR A 330 10.61 2.88 -4.89
CA TYR A 330 11.07 1.54 -4.55
C TYR A 330 10.75 1.17 -3.11
N ASN A 331 10.08 0.04 -2.92
CA ASN A 331 9.77 -0.46 -1.59
C ASN A 331 9.31 -1.92 -1.60
N LEU A 332 9.15 -2.50 -0.42
CA LEU A 332 8.65 -3.86 -0.27
C LEU A 332 7.71 -3.95 0.91
N ALA A 333 6.44 -4.24 0.64
CA ALA A 333 5.42 -4.33 1.69
C ALA A 333 4.81 -5.71 1.79
N GLU A 334 4.04 -5.94 2.85
CA GLU A 334 3.45 -7.26 3.11
C GLU A 334 2.04 -7.09 3.68
N SER A 335 1.12 -7.93 3.21
CA SER A 335 -0.29 -7.78 3.61
C SER A 335 -1.11 -9.07 3.56
N VAL A 336 -2.18 -9.10 4.35
CA VAL A 336 -3.14 -10.21 4.32
C VAL A 336 -4.53 -9.69 4.60
N ASN A 337 -5.53 -10.37 4.03
CA ASN A 337 -6.91 -10.15 4.43
C ASN A 337 -7.23 -10.99 5.66
N PHE A 338 -8.14 -10.50 6.49
CA PHE A 338 -8.49 -11.24 7.71
C PHE A 338 -9.84 -10.78 8.25
N ALA A 339 -10.35 -11.52 9.23
CA ALA A 339 -11.64 -11.21 9.83
C ALA A 339 -11.53 -11.10 11.34
N LEU A 340 -12.51 -10.47 11.97
CA LEU A 340 -12.56 -10.34 13.42
C LEU A 340 -13.74 -11.11 14.01
N GLU A 341 -14.01 -12.29 13.47
CA GLU A 341 -15.10 -13.12 13.94
C GLU A 341 -15.04 -14.52 13.33
#